data_5TG1
#
_entry.id   5TG1
#
_cell.length_a   64.397
_cell.length_b   36.495
_cell.length_c   61.474
_cell.angle_alpha   90.000
_cell.angle_beta   112.500
_cell.angle_gamma   90.000
#
_symmetry.space_group_name_H-M   'C 1 2 1'
#
loop_
_entity.id
_entity.type
_entity.pdbx_description
1 polymer '3C-LIKE PROTEASE'
2 non-polymer 'CHLORIDE ION'
3 non-polymer (4S,7S,17S)-17-(3-chlorophenyl)-7-(hydroxymethyl)-4-(2-methylpropyl)-1-oxa-3,6,11-triazacycloheptadecane-2,5,10-trione
4 water water
#
_entity_poly.entity_id   1
_entity_poly.type   'polypeptide(L)'
_entity_poly.pdbx_seq_one_letter_code
;MHHHHHHAPPTLWSRVTKFGSGWGFWVSPTVFITTTHVVPTGVKEFFGEPLSSIAIHQAGEFTQFRFSKKMRPDLTGMVL
EEGCPEGTVCSVLIKRDSGELLPLAVRMGAIASMRIQGRLVHGQSGMLLTGANAKGMDLGTIPGDCGAPYVHKRGNDWVV
CGVHAAATKSGNTVVCAVQAGEGETALE
;
_entity_poly.pdbx_strand_id   A
#
# COMPACT_ATOMS: atom_id res chain seq x y z
N THR A 11 16.44 -1.87 2.77
CA THR A 11 15.87 -0.62 3.24
C THR A 11 14.48 -0.41 2.65
N LEU A 12 14.30 -0.84 1.40
CA LEU A 12 12.97 -0.83 0.78
C LEU A 12 11.94 -1.50 1.68
N TRP A 13 12.26 -2.70 2.16
CA TRP A 13 11.31 -3.42 3.00
C TRP A 13 11.17 -2.80 4.40
N SER A 14 12.16 -2.06 4.87
CA SER A 14 11.99 -1.38 6.15
C SER A 14 10.94 -0.28 6.10
N ARG A 15 10.49 0.10 4.90
CA ARG A 15 9.44 1.09 4.75
C ARG A 15 8.06 0.50 5.03
N VAL A 16 7.92 -0.80 4.94
CA VAL A 16 6.63 -1.47 5.11
C VAL A 16 6.44 -1.67 6.60
N THR A 17 5.39 -1.09 7.16
CA THR A 17 5.20 -0.94 8.60
C THR A 17 3.82 -1.40 8.99
N LYS A 18 3.74 -2.18 10.08
CA LYS A 18 2.46 -2.66 10.56
C LYS A 18 1.64 -1.48 11.02
N PHE A 19 0.37 -1.44 10.64
CA PHE A 19 -0.46 -0.27 10.90
C PHE A 19 -1.92 -0.69 10.95
N GLY A 20 -2.60 -0.41 12.04
CA GLY A 20 -4.00 -0.77 12.13
C GLY A 20 -4.18 -2.26 11.89
N SER A 21 -5.16 -2.60 11.04
CA SER A 21 -5.42 -3.99 10.69
C SER A 21 -4.63 -4.46 9.47
N GLY A 22 -3.62 -3.72 9.05
CA GLY A 22 -2.81 -4.10 7.91
C GLY A 22 -1.43 -3.52 8.01
N TRP A 23 -1.05 -2.84 6.94
CA TRP A 23 0.29 -2.27 6.78
C TRP A 23 0.16 -0.91 6.11
N GLY A 24 1.25 -0.15 6.17
CA GLY A 24 1.40 0.99 5.28
C GLY A 24 2.85 1.11 4.87
N PHE A 25 3.18 2.19 4.19
CA PHE A 25 4.47 2.31 3.52
C PHE A 25 4.98 3.73 3.66
N TRP A 26 6.23 3.87 4.13
CA TRP A 26 6.90 5.16 4.16
C TRP A 26 7.51 5.46 2.79
N VAL A 27 6.94 6.47 2.12
CA VAL A 27 7.45 7.00 0.87
C VAL A 27 8.70 7.82 1.13
N SER A 28 8.76 8.46 2.30
CA SER A 28 9.86 9.36 2.64
C SER A 28 9.85 9.51 4.14
N PRO A 29 10.74 10.30 4.73
CA PRO A 29 10.70 10.47 6.18
C PRO A 29 9.41 11.07 6.69
N THR A 30 8.64 11.76 5.85
CA THR A 30 7.44 12.43 6.31
C THR A 30 6.14 11.94 5.69
N VAL A 31 6.17 11.02 4.72
CA VAL A 31 4.97 10.64 3.98
C VAL A 31 4.75 9.15 4.15
N PHE A 32 3.57 8.79 4.62
CA PHE A 32 3.15 7.41 4.83
C PHE A 32 1.84 7.19 4.11
N ILE A 33 1.75 6.08 3.39
CA ILE A 33 0.55 5.74 2.65
C ILE A 33 0.03 4.38 3.11
N THR A 34 -1.29 4.23 3.01
CA THR A 34 -1.96 2.98 3.38
C THR A 34 -3.32 2.94 2.71
N THR A 35 -4.05 1.86 2.95
CA THR A 35 -5.42 1.73 2.49
CA THR A 35 -5.43 1.73 2.50
C THR A 35 -6.35 2.15 3.61
N THR A 36 -7.37 2.93 3.27
CA THR A 36 -8.19 3.58 4.28
C THR A 36 -8.80 2.59 5.26
N HIS A 37 -9.28 1.44 4.77
CA HIS A 37 -10.01 0.57 5.67
C HIS A 37 -9.15 -0.08 6.73
N VAL A 38 -7.83 0.01 6.67
CA VAL A 38 -7.01 -0.55 7.75
C VAL A 38 -6.68 0.47 8.82
N VAL A 39 -6.97 1.74 8.58
CA VAL A 39 -6.55 2.82 9.47
C VAL A 39 -7.34 2.76 10.77
N PRO A 40 -6.70 2.91 11.93
CA PRO A 40 -7.46 3.01 13.18
C PRO A 40 -8.41 4.19 13.16
N THR A 41 -9.56 4.02 13.81
CA THR A 41 -10.53 5.11 13.91
C THR A 41 -10.78 5.46 15.38
N GLY A 42 -11.23 6.68 15.58
CA GLY A 42 -11.40 7.21 16.92
C GLY A 42 -10.11 7.33 17.70
N VAL A 43 -9.05 7.85 17.07
CA VAL A 43 -7.76 8.02 17.73
C VAL A 43 -7.35 9.50 17.69
N LYS A 44 -6.50 9.88 18.66
CA LYS A 44 -6.02 11.26 18.79
C LYS A 44 -4.65 11.47 18.16
N GLU A 45 -4.07 10.42 17.60
CA GLU A 45 -2.70 10.51 17.10
C GLU A 45 -2.49 9.34 16.20
N PHE A 46 -1.48 9.47 15.35
CA PHE A 46 -0.94 8.35 14.59
C PHE A 46 0.56 8.35 14.82
N PHE A 47 1.10 7.19 15.18
CA PHE A 47 2.52 7.05 15.42
C PHE A 47 3.03 8.05 16.46
N GLY A 48 2.18 8.41 17.41
CA GLY A 48 2.58 9.29 18.48
C GLY A 48 2.53 10.76 18.14
N GLU A 49 2.16 11.11 16.96
CA GLU A 49 2.08 12.49 16.54
C GLU A 49 0.66 13.01 16.64
N PRO A 50 0.48 14.22 17.14
CA PRO A 50 -0.87 14.79 17.23
C PRO A 50 -1.47 15.00 15.86
N LEU A 51 -2.80 14.90 15.80
CA LEU A 51 -3.49 15.13 14.53
C LEU A 51 -3.24 16.52 13.99
N SER A 52 -2.91 17.48 14.85
CA SER A 52 -2.57 18.84 14.45
C SER A 52 -1.28 18.91 13.64
N SER A 53 -0.46 17.86 13.68
CA SER A 53 0.81 17.85 13.00
CA SER A 53 0.82 17.85 13.00
C SER A 53 0.83 16.89 11.81
N ILE A 54 -0.35 16.45 11.36
CA ILE A 54 -0.45 15.53 10.23
C ILE A 54 -1.47 16.08 9.27
N ALA A 55 -1.11 16.14 7.99
CA ALA A 55 -2.06 16.44 6.94
C ALA A 55 -2.52 15.10 6.36
N ILE A 56 -3.80 14.81 6.51
CA ILE A 56 -4.36 13.52 6.14
C ILE A 56 -5.28 13.72 4.94
N HIS A 57 -5.06 12.94 3.90
CA HIS A 57 -5.95 12.92 2.76
C HIS A 57 -6.40 11.50 2.52
N GLN A 58 -7.71 11.30 2.46
CA GLN A 58 -8.27 9.97 2.25
C GLN A 58 -9.36 10.10 1.19
N ALA A 59 -9.29 9.23 0.19
CA ALA A 59 -10.34 9.15 -0.83
C ALA A 59 -10.14 7.86 -1.62
N GLY A 60 -11.25 7.21 -1.96
CA GLY A 60 -11.20 6.03 -2.82
C GLY A 60 -10.36 4.90 -2.25
N GLU A 61 -10.30 4.78 -0.93
CA GLU A 61 -9.56 3.76 -0.19
C GLU A 61 -8.05 3.96 -0.19
N PHE A 62 -7.58 5.11 -0.65
CA PHE A 62 -6.18 5.50 -0.52
C PHE A 62 -6.08 6.56 0.58
N THR A 63 -5.20 6.31 1.54
CA THR A 63 -4.90 7.28 2.60
C THR A 63 -3.45 7.71 2.54
N GLN A 64 -3.21 9.02 2.60
CA GLN A 64 -1.88 9.58 2.70
C GLN A 64 -1.78 10.42 3.97
N PHE A 65 -0.73 10.18 4.73
CA PHE A 65 -0.37 11.00 5.89
CA PHE A 65 -0.37 11.01 5.88
C PHE A 65 0.90 11.78 5.55
N ARG A 66 0.86 13.09 5.73
CA ARG A 66 2.06 13.93 5.60
C ARG A 66 2.33 14.53 6.97
N PHE A 67 3.43 14.11 7.58
CA PHE A 67 3.77 14.55 8.92
C PHE A 67 4.63 15.81 8.84
N SER A 68 4.43 16.72 9.79
CA SER A 68 5.31 17.89 9.83
C SER A 68 6.70 17.54 10.35
N LYS A 69 6.82 16.53 11.19
CA LYS A 69 8.12 16.14 11.69
C LYS A 69 8.68 14.97 10.91
N LYS A 70 10.01 14.88 10.87
CA LYS A 70 10.67 13.74 10.24
C LYS A 70 10.46 12.50 11.10
N MET A 71 9.64 11.59 10.61
CA MET A 71 9.26 10.39 11.34
C MET A 71 10.19 9.22 11.05
N ARG A 72 10.67 9.13 9.81
CA ARG A 72 11.52 8.02 9.40
C ARG A 72 12.77 8.59 8.74
N PRO A 73 13.62 9.25 9.53
CA PRO A 73 14.83 9.89 8.99
C PRO A 73 15.84 8.90 8.44
N ASP A 74 15.69 7.61 8.77
CA ASP A 74 16.52 6.55 8.21
C ASP A 74 16.27 6.31 6.72
N LEU A 75 15.20 6.88 6.17
CA LEU A 75 14.79 6.62 4.79
C LEU A 75 15.07 7.81 3.89
N THR A 76 15.36 7.50 2.63
CA THR A 76 15.34 8.50 1.58
C THR A 76 13.92 8.65 1.05
N GLY A 77 13.70 9.73 0.31
CA GLY A 77 12.44 9.88 -0.40
C GLY A 77 12.45 9.09 -1.69
N MET A 78 11.33 8.49 -2.00
CA MET A 78 11.19 7.81 -3.28
C MET A 78 9.97 8.36 -4.01
N VAL A 79 9.84 7.94 -5.24
CA VAL A 79 8.81 8.49 -6.12
C VAL A 79 7.49 7.80 -5.81
N LEU A 80 6.45 8.61 -5.59
CA LEU A 80 5.08 8.16 -5.45
C LEU A 80 4.30 8.65 -6.67
N GLU A 81 3.69 7.72 -7.39
CA GLU A 81 2.88 8.04 -8.55
C GLU A 81 1.48 7.50 -8.36
N GLU A 82 0.55 8.11 -9.07
CA GLU A 82 -0.88 7.81 -8.94
C GLU A 82 -1.26 6.68 -9.91
N GLY A 83 -0.82 5.48 -9.56
CA GLY A 83 -0.96 4.32 -10.40
C GLY A 83 0.17 4.18 -11.40
N CYS A 84 -0.01 3.23 -12.30
CA CYS A 84 1.01 2.98 -13.32
C CYS A 84 0.34 2.65 -14.65
N PRO A 85 1.08 2.66 -15.74
CA PRO A 85 0.44 2.36 -17.02
C PRO A 85 -0.08 0.94 -17.07
N GLU A 86 -1.17 0.75 -17.80
CA GLU A 86 -1.66 -0.60 -18.03
C GLU A 86 -0.54 -1.46 -18.57
N GLY A 87 -0.40 -2.66 -18.02
CA GLY A 87 0.59 -3.61 -18.44
C GLY A 87 1.85 -3.65 -17.59
N THR A 88 2.03 -2.67 -16.69
CA THR A 88 3.19 -2.66 -15.82
C THR A 88 3.16 -3.87 -14.89
N VAL A 89 4.32 -4.49 -14.71
CA VAL A 89 4.48 -5.52 -13.70
C VAL A 89 4.96 -4.86 -12.41
N CYS A 90 4.18 -5.01 -11.35
CA CYS A 90 4.55 -4.50 -10.05
C CYS A 90 4.83 -5.66 -9.12
N SER A 91 5.48 -5.35 -8.02
CA SER A 91 5.61 -6.23 -6.87
CA SER A 91 5.60 -6.24 -6.88
C SER A 91 4.81 -5.63 -5.73
N VAL A 92 3.97 -6.43 -5.09
CA VAL A 92 3.28 -6.00 -3.88
C VAL A 92 4.14 -6.48 -2.71
N LEU A 93 4.60 -5.55 -1.88
CA LEU A 93 5.58 -5.87 -0.82
C LEU A 93 4.82 -6.24 0.44
N ILE A 94 4.36 -7.48 0.48
CA ILE A 94 3.59 -7.98 1.61
C ILE A 94 4.57 -8.49 2.66
N LYS A 95 4.37 -8.08 3.90
CA LYS A 95 5.01 -8.68 5.05
C LYS A 95 3.97 -9.44 5.84
N ARG A 96 4.44 -10.42 6.58
CA ARG A 96 3.62 -11.05 7.60
C ARG A 96 4.20 -10.67 8.96
N ASP A 97 3.53 -11.11 10.03
CA ASP A 97 3.84 -10.56 11.36
C ASP A 97 5.26 -10.88 11.83
N SER A 98 5.88 -11.95 11.33
CA SER A 98 7.27 -12.21 11.69
C SER A 98 8.24 -11.18 11.12
N GLY A 99 7.77 -10.35 10.20
CA GLY A 99 8.66 -9.51 9.42
C GLY A 99 9.13 -10.15 8.15
N GLU A 100 8.67 -11.36 7.83
CA GLU A 100 9.07 -12.04 6.63
C GLU A 100 8.61 -11.24 5.41
N LEU A 101 9.42 -11.34 4.36
CA LEU A 101 9.29 -10.54 3.14
C LEU A 101 8.74 -11.43 2.04
N LEU A 102 7.51 -11.13 1.58
CA LEU A 102 6.75 -12.02 0.69
C LEU A 102 6.21 -11.23 -0.49
N PRO A 103 7.03 -10.90 -1.46
CA PRO A 103 6.54 -10.11 -2.59
C PRO A 103 5.61 -10.91 -3.48
N LEU A 104 4.62 -10.21 -4.02
CA LEU A 104 3.62 -10.78 -4.92
C LEU A 104 3.75 -10.06 -6.26
N ALA A 105 4.05 -10.81 -7.33
CA ALA A 105 4.16 -10.21 -8.66
C ALA A 105 2.78 -10.08 -9.30
N VAL A 106 2.48 -8.93 -9.86
CA VAL A 106 1.17 -8.63 -10.42
CA VAL A 106 1.18 -8.69 -10.46
C VAL A 106 1.36 -7.88 -11.74
N ARG A 107 0.49 -8.18 -12.71
CA ARG A 107 0.41 -7.42 -13.94
C ARG A 107 -0.80 -6.51 -13.83
N MET A 108 -0.57 -5.21 -13.98
CA MET A 108 -1.58 -4.21 -13.70
C MET A 108 -2.44 -3.90 -14.91
N GLY A 109 -3.72 -3.63 -14.64
CA GLY A 109 -4.69 -3.30 -15.66
C GLY A 109 -5.11 -1.85 -15.60
N ALA A 110 -6.37 -1.58 -15.89
CA ALA A 110 -6.85 -0.22 -16.04
C ALA A 110 -7.31 0.38 -14.72
N ILE A 111 -7.26 1.71 -14.67
CA ILE A 111 -7.83 2.45 -13.56
C ILE A 111 -9.35 2.42 -13.64
N ALA A 112 -9.98 2.36 -12.48
CA ALA A 112 -11.42 2.46 -12.40
C ALA A 112 -11.77 2.70 -10.94
N SER A 113 -13.05 2.96 -10.70
CA SER A 113 -13.60 3.01 -9.36
C SER A 113 -14.58 1.85 -9.22
N MET A 114 -14.34 1.02 -8.21
CA MET A 114 -15.09 -0.22 -8.00
C MET A 114 -15.60 -0.23 -6.56
N ARG A 115 -16.88 -0.54 -6.38
CA ARG A 115 -17.43 -0.69 -5.04
C ARG A 115 -17.14 -2.12 -4.58
N ILE A 116 -16.40 -2.26 -3.51
CA ILE A 116 -16.01 -3.56 -2.99
C ILE A 116 -16.42 -3.60 -1.52
N GLN A 117 -17.34 -4.50 -1.19
CA GLN A 117 -17.84 -4.62 0.17
C GLN A 117 -18.21 -3.26 0.76
N GLY A 118 -18.96 -2.47 -0.02
CA GLY A 118 -19.54 -1.23 0.44
C GLY A 118 -18.67 0.01 0.27
N ARG A 119 -17.38 -0.16 0.00
CA ARG A 119 -16.45 0.95 -0.11
C ARG A 119 -16.03 1.12 -1.56
N LEU A 120 -16.00 2.36 -2.01
CA LEU A 120 -15.52 2.64 -3.35
C LEU A 120 -14.00 2.64 -3.34
N VAL A 121 -13.42 1.77 -4.16
CA VAL A 121 -11.97 1.69 -4.33
C VAL A 121 -11.64 2.36 -5.66
N HIS A 122 -10.88 3.46 -5.61
CA HIS A 122 -10.34 4.06 -6.83
C HIS A 122 -8.96 3.46 -7.02
N GLY A 123 -8.79 2.68 -8.08
CA GLY A 123 -7.52 2.03 -8.23
C GLY A 123 -7.43 1.25 -9.49
N GLN A 124 -6.50 0.31 -9.48
CA GLN A 124 -6.16 -0.48 -10.64
C GLN A 124 -6.33 -1.94 -10.29
N SER A 125 -7.09 -2.66 -11.11
CA SER A 125 -7.11 -4.09 -10.96
C SER A 125 -5.85 -4.67 -11.59
N GLY A 126 -5.52 -5.89 -11.19
CA GLY A 126 -4.37 -6.57 -11.78
C GLY A 126 -4.56 -8.05 -11.61
N MET A 127 -3.69 -8.80 -12.27
CA MET A 127 -3.70 -10.25 -12.17
C MET A 127 -2.40 -10.75 -11.58
N LEU A 128 -2.51 -11.69 -10.65
CA LEU A 128 -1.33 -12.26 -10.01
C LEU A 128 -0.56 -13.09 -11.03
N LEU A 129 0.77 -13.01 -10.96
CA LEU A 129 1.65 -13.82 -11.78
C LEU A 129 2.22 -15.01 -10.99
N ALA A 132 1.47 -20.96 -7.37
CA ALA A 132 0.87 -21.84 -6.36
C ALA A 132 1.39 -21.49 -4.97
N ASN A 133 2.62 -20.94 -4.93
CA ASN A 133 3.23 -20.54 -3.66
CA ASN A 133 3.20 -20.58 -3.64
C ASN A 133 2.38 -19.48 -2.96
N ALA A 134 1.95 -18.47 -3.72
CA ALA A 134 1.13 -17.40 -3.14
C ALA A 134 -0.12 -17.97 -2.51
N LYS A 135 -0.82 -18.86 -3.22
CA LYS A 135 -2.07 -19.41 -2.72
C LYS A 135 -1.84 -20.26 -1.47
N GLY A 136 -0.76 -21.03 -1.46
CA GLY A 136 -0.45 -21.81 -0.28
C GLY A 136 -0.40 -20.98 0.99
N MET A 137 -0.02 -19.70 0.87
CA MET A 137 0.12 -18.79 2.00
C MET A 137 -0.98 -17.75 2.07
N ASP A 138 -2.01 -17.87 1.23
CA ASP A 138 -3.07 -16.87 1.13
C ASP A 138 -2.50 -15.46 0.95
N LEU A 139 -1.46 -15.35 0.13
CA LEU A 139 -0.75 -14.10 -0.01
C LEU A 139 -1.61 -13.09 -0.77
N GLY A 140 -1.90 -11.97 -0.12
CA GLY A 140 -2.78 -10.97 -0.66
C GLY A 140 -4.25 -11.21 -0.40
N THR A 141 -4.59 -12.38 0.15
CA THR A 141 -5.99 -12.77 0.28
C THR A 141 -6.40 -13.03 1.73
N ILE A 142 -5.74 -12.35 2.66
CA ILE A 142 -6.18 -12.30 4.05
C ILE A 142 -6.29 -10.83 4.46
N PRO A 143 -7.14 -10.49 5.41
CA PRO A 143 -7.32 -9.07 5.75
C PRO A 143 -6.04 -8.38 6.18
N GLY A 144 -5.16 -9.09 6.87
CA GLY A 144 -3.96 -8.46 7.39
C GLY A 144 -2.97 -8.03 6.33
N ASP A 145 -3.15 -8.42 5.06
CA ASP A 145 -2.21 -8.07 4.00
C ASP A 145 -2.51 -6.72 3.36
N CYS A 146 -3.63 -6.09 3.67
CA CYS A 146 -3.92 -4.84 3.00
C CYS A 146 -3.01 -3.72 3.48
N GLY A 147 -2.84 -2.72 2.61
CA GLY A 147 -1.96 -1.61 2.83
C GLY A 147 -0.58 -1.80 2.25
N ALA A 148 -0.23 -3.02 1.85
CA ALA A 148 1.09 -3.26 1.29
C ALA A 148 1.27 -2.50 -0.02
N PRO A 149 2.46 -2.00 -0.29
CA PRO A 149 2.65 -1.12 -1.45
C PRO A 149 2.85 -1.92 -2.74
N TYR A 150 2.39 -1.32 -3.83
CA TYR A 150 2.67 -1.78 -5.19
C TYR A 150 3.83 -0.95 -5.70
N VAL A 151 4.93 -1.61 -6.06
CA VAL A 151 6.12 -0.92 -6.52
C VAL A 151 6.59 -1.47 -7.87
N HIS A 152 7.27 -0.62 -8.62
CA HIS A 152 8.01 -1.06 -9.80
C HIS A 152 9.30 -0.27 -9.87
N LYS A 153 10.23 -0.78 -10.68
CA LYS A 153 11.59 -0.26 -10.74
C LYS A 153 11.77 0.55 -12.01
N ARG A 154 12.35 1.75 -11.86
CA ARG A 154 12.63 2.64 -12.96
C ARG A 154 14.13 2.91 -12.92
N GLY A 155 14.88 2.11 -13.67
CA GLY A 155 16.32 2.04 -13.49
C GLY A 155 16.59 1.23 -12.24
N ASN A 156 17.26 1.85 -11.28
CA ASN A 156 17.33 1.34 -9.92
C ASN A 156 16.58 2.24 -8.96
N ASP A 157 15.78 3.16 -9.48
CA ASP A 157 14.93 4.01 -8.67
C ASP A 157 13.56 3.37 -8.54
N TRP A 158 13.13 3.18 -7.31
CA TRP A 158 11.87 2.50 -7.05
C TRP A 158 10.73 3.48 -7.05
N VAL A 159 9.60 3.05 -7.61
CA VAL A 159 8.39 3.85 -7.70
CA VAL A 159 8.42 3.88 -7.61
C VAL A 159 7.28 3.09 -6.96
N VAL A 160 6.59 3.76 -6.06
CA VAL A 160 5.40 3.19 -5.45
C VAL A 160 4.21 3.84 -6.11
N CYS A 161 3.22 3.02 -6.45
CA CYS A 161 2.10 3.55 -7.19
C CYS A 161 0.73 3.17 -6.65
N GLY A 162 0.65 2.41 -5.56
CA GLY A 162 -0.63 2.11 -4.97
C GLY A 162 -0.44 1.28 -3.71
N VAL A 163 -1.57 0.95 -3.08
CA VAL A 163 -1.60 0.15 -1.87
C VAL A 163 -2.63 -0.96 -2.02
N HIS A 164 -2.32 -2.13 -1.47
CA HIS A 164 -3.20 -3.28 -1.65
C HIS A 164 -4.53 -3.07 -0.93
N ALA A 165 -5.63 -3.20 -1.66
CA ALA A 165 -6.94 -2.93 -1.12
C ALA A 165 -7.89 -4.10 -1.21
N ALA A 166 -7.74 -5.00 -2.18
CA ALA A 166 -8.72 -6.04 -2.42
C ALA A 166 -8.10 -7.15 -3.25
N ALA A 167 -8.67 -8.33 -3.13
CA ALA A 167 -8.23 -9.47 -3.93
C ALA A 167 -9.28 -10.55 -3.82
N THR A 168 -9.45 -11.33 -4.89
CA THR A 168 -10.47 -12.37 -4.88
C THR A 168 -10.00 -13.58 -4.09
N LYS A 169 -10.97 -14.36 -3.61
CA LYS A 169 -10.65 -15.54 -2.81
C LYS A 169 -9.62 -16.42 -3.52
N SER A 170 -9.74 -16.53 -4.84
CA SER A 170 -8.80 -17.31 -5.64
C SER A 170 -9.25 -17.35 -7.09
N ASN A 172 -7.51 -14.91 -9.88
CA ASN A 172 -6.36 -14.33 -9.16
C ASN A 172 -6.26 -12.85 -9.47
N THR A 173 -7.25 -12.12 -9.01
CA THR A 173 -7.40 -10.70 -9.25
C THR A 173 -7.07 -9.96 -7.98
N VAL A 174 -6.35 -8.86 -8.12
CA VAL A 174 -6.04 -7.96 -7.02
C VAL A 174 -6.47 -6.57 -7.44
N VAL A 175 -6.62 -5.71 -6.44
CA VAL A 175 -6.88 -4.30 -6.67
C VAL A 175 -5.98 -3.51 -5.76
N CYS A 176 -5.27 -2.54 -6.32
CA CYS A 176 -4.62 -1.55 -5.49
C CYS A 176 -5.30 -0.21 -5.61
N ALA A 177 -5.46 0.44 -4.48
CA ALA A 177 -5.98 1.78 -4.44
C ALA A 177 -4.89 2.73 -4.87
N VAL A 178 -5.29 3.77 -5.60
CA VAL A 178 -4.37 4.78 -6.10
C VAL A 178 -4.94 6.13 -5.73
N GLN A 179 -4.05 7.09 -5.53
CA GLN A 179 -4.42 8.42 -5.11
C GLN A 179 -5.37 9.07 -6.11
#